data_6LDU
#
_entry.id   6LDU
#
_cell.length_a   47.571
_cell.length_b   66.935
_cell.length_c   57.352
_cell.angle_alpha   90.000
_cell.angle_beta   102.709
_cell.angle_gamma   90.000
#
_symmetry.space_group_name_H-M   'P 1 21 1'
#
loop_
_entity.id
_entity.type
_entity.pdbx_description
1 polymer 'Probable endochitinase'
2 non-polymer 2-acetamido-2-deoxy-beta-D-glucopyranose
3 non-polymer GLYCEROL
4 water water
#
_entity_poly.entity_id   1
_entity_poly.type   'polypeptide(L)'
_entity_poly.pdbx_seq_one_letter_code
;SYIRPCYFTNWAQYRQGRAKFVPEDYTPGLCTHILFAFGWMNADYTVRAYDPADLPNDWAGEGMYRRVNKLKVTDTQLKT
LLSFGGWSFGTALFQGMAASSASRKVFIDSAITFVRTWGFDGIDIDWEYPSGATDMANYVALVKELKAACESEAGSTGKD
RLLVTAAVAAGPATIDAGYDIPNLAPNFDFILLMSYDFFGAWASLVGFNSPLYATTELPAEWNGWNVDSSARYWNQKGMP
KEKIIVGMPTYGRGWTLNNASAINPGTSGSPAKITQYVQEAGVGAYFEFCEMLANGATRYWDSQSQVPYLVQGNQWWSYD
DEESFANKMAYVKREGYGGAFVWTLDFDDFNAGCSNSNGQLYPLISVIAKELGGVIIPKKGGH
;
_entity_poly.pdbx_strand_id   A
#
# COMPACT_ATOMS: atom_id res chain seq x y z
N SER A 1 20.41 3.53 -2.05
CA SER A 1 19.41 4.52 -1.66
C SER A 1 18.12 3.82 -1.27
N TYR A 2 17.31 4.48 -0.44
CA TYR A 2 16.08 3.86 0.03
C TYR A 2 15.04 3.80 -1.09
N ILE A 3 14.27 2.74 -1.06
CA ILE A 3 13.19 2.49 -2.00
C ILE A 3 11.92 3.06 -1.36
N ARG A 4 11.24 3.94 -2.08
CA ARG A 4 10.10 4.70 -1.54
C ARG A 4 8.92 4.61 -2.49
N PRO A 5 8.26 3.46 -2.57
CA PRO A 5 7.14 3.32 -3.50
C PRO A 5 5.85 3.91 -2.94
N CYS A 6 4.97 4.28 -3.86
CA CYS A 6 3.63 4.76 -3.50
C CYS A 6 2.60 4.12 -4.41
N TYR A 7 1.50 3.66 -3.82
CA TYR A 7 0.39 3.15 -4.62
C TYR A 7 -0.49 4.30 -5.12
N PHE A 8 -0.71 4.32 -6.43
CA PHE A 8 -1.74 5.11 -7.09
C PHE A 8 -2.95 4.19 -7.31
N THR A 9 -4.15 4.67 -7.00
CA THR A 9 -5.35 3.88 -7.27
C THR A 9 -6.16 4.58 -8.35
N ASN A 10 -6.54 3.84 -9.37
CA ASN A 10 -7.14 4.48 -10.52
C ASN A 10 -8.61 4.77 -10.34
N TRP A 11 -9.18 4.49 -9.16
CA TRP A 11 -10.56 4.87 -8.90
C TRP A 11 -10.68 6.09 -8.00
N ALA A 12 -9.57 6.58 -7.43
CA ALA A 12 -9.66 7.78 -6.61
C ALA A 12 -10.07 9.00 -7.41
N GLN A 13 -9.90 8.97 -8.74
CA GLN A 13 -10.35 10.05 -9.61
C GLN A 13 -11.86 10.22 -9.56
N TYR A 14 -12.59 9.22 -9.07
CA TYR A 14 -14.05 9.27 -9.04
C TYR A 14 -14.61 9.76 -7.72
N ARG A 15 -13.75 10.06 -6.75
CA ARG A 15 -14.21 10.67 -5.51
C ARG A 15 -14.62 12.12 -5.75
N GLN A 16 -15.50 12.61 -4.89
CA GLN A 16 -16.02 13.97 -5.00
C GLN A 16 -15.20 15.06 -4.49
N GLY A 17 -15.32 16.23 -5.11
CA GLY A 17 -14.79 17.45 -4.51
C GLY A 17 -13.32 17.35 -4.20
N ARG A 18 -12.97 17.68 -2.96
CA ARG A 18 -11.57 17.77 -2.52
C ARG A 18 -10.87 16.41 -2.55
N ALA A 19 -11.63 15.32 -2.58
CA ALA A 19 -11.03 13.99 -2.56
C ALA A 19 -10.66 13.47 -3.95
N LYS A 20 -11.08 14.12 -5.03
CA LYS A 20 -10.71 13.67 -6.36
C LYS A 20 -9.19 13.68 -6.51
N PHE A 21 -8.62 12.51 -6.86
CA PHE A 21 -7.18 12.36 -7.02
C PHE A 21 -6.86 11.91 -8.44
N VAL A 22 -6.05 12.67 -9.15
CA VAL A 22 -5.62 12.32 -10.50
C VAL A 22 -4.09 12.30 -10.51
N PRO A 23 -3.47 11.68 -11.53
CA PRO A 23 -2.01 11.63 -11.56
C PRO A 23 -1.36 13.00 -11.44
N GLU A 24 -2.03 14.05 -11.94
CA GLU A 24 -1.45 15.39 -11.90
C GLU A 24 -1.38 15.96 -10.50
N ASP A 25 -1.97 15.28 -9.50
CA ASP A 25 -1.78 15.67 -8.10
C ASP A 25 -0.44 15.20 -7.53
N TYR A 26 0.28 14.36 -8.27
CA TYR A 26 1.63 13.95 -7.86
C TYR A 26 2.58 15.15 -7.89
N THR A 27 3.65 15.07 -7.10
CA THR A 27 4.66 16.13 -7.09
C THR A 27 6.03 15.46 -7.12
N PRO A 28 6.97 16.00 -7.90
CA PRO A 28 8.25 15.30 -8.13
C PRO A 28 9.02 15.00 -6.86
N GLY A 29 9.63 13.80 -6.85
CA GLY A 29 10.42 13.33 -5.73
C GLY A 29 9.62 12.74 -4.58
N LEU A 30 8.28 12.82 -4.63
CA LEU A 30 7.48 12.30 -3.53
C LEU A 30 7.68 10.80 -3.35
N CYS A 31 7.86 10.09 -4.46
CA CYS A 31 8.08 8.65 -4.44
C CYS A 31 9.21 8.31 -5.40
N THR A 32 9.86 7.17 -5.16
CA THR A 32 10.79 6.63 -6.15
C THR A 32 10.11 5.70 -7.15
N HIS A 33 8.99 5.11 -6.76
CA HIS A 33 8.24 4.19 -7.58
C HIS A 33 6.77 4.49 -7.35
N ILE A 34 5.99 4.50 -8.43
CA ILE A 34 4.54 4.47 -8.33
C ILE A 34 4.06 3.11 -8.80
N LEU A 35 3.31 2.43 -7.94
CA LEU A 35 2.64 1.17 -8.27
C LEU A 35 1.21 1.49 -8.67
N PHE A 36 0.83 1.10 -9.88
CA PHE A 36 -0.47 1.43 -10.42
C PHE A 36 -1.45 0.36 -9.97
N ALA A 37 -2.37 0.72 -9.07
CA ALA A 37 -3.42 -0.21 -8.68
C ALA A 37 -4.66 0.10 -9.50
N PHE A 38 -5.11 -0.78 -10.38
CA PHE A 38 -4.56 -2.11 -10.66
C PHE A 38 -4.63 -2.39 -12.16
N GLY A 39 -3.75 -3.27 -12.63
CA GLY A 39 -4.03 -3.98 -13.86
C GLY A 39 -4.97 -5.15 -13.60
N TRP A 40 -5.52 -5.71 -14.67
CA TRP A 40 -6.62 -6.66 -14.50
C TRP A 40 -6.36 -7.92 -15.33
N MET A 41 -7.29 -8.88 -15.26
CA MET A 41 -7.08 -10.18 -15.89
C MET A 41 -8.34 -10.66 -16.59
N ASN A 42 -8.17 -11.26 -17.77
CA ASN A 42 -9.27 -11.94 -18.42
C ASN A 42 -9.45 -13.35 -17.86
N ALA A 43 -10.60 -13.96 -18.17
CA ALA A 43 -10.87 -15.31 -17.72
C ALA A 43 -9.80 -16.29 -18.19
N ASP A 44 -9.19 -16.04 -19.35
CA ASP A 44 -8.16 -16.92 -19.87
C ASP A 44 -6.76 -16.57 -19.37
N TYR A 45 -6.67 -15.65 -18.43
CA TYR A 45 -5.45 -15.26 -17.70
C TYR A 45 -4.60 -14.24 -18.44
N THR A 46 -4.97 -13.85 -19.66
CA THR A 46 -4.32 -12.73 -20.30
C THR A 46 -4.69 -11.42 -19.60
N VAL A 47 -3.90 -10.39 -19.84
CA VAL A 47 -4.01 -9.14 -19.09
C VAL A 47 -4.91 -8.15 -19.85
N ARG A 48 -5.69 -7.39 -19.07
CA ARG A 48 -6.49 -6.31 -19.61
C ARG A 48 -6.44 -5.13 -18.66
N ALA A 49 -6.83 -3.96 -19.14
CA ALA A 49 -6.98 -2.82 -18.27
C ALA A 49 -8.17 -3.02 -17.32
N TYR A 50 -7.99 -2.61 -16.07
CA TYR A 50 -9.07 -2.64 -15.08
C TYR A 50 -10.21 -1.71 -15.48
N ASP A 51 -9.85 -0.49 -15.85
CA ASP A 51 -10.76 0.60 -16.16
C ASP A 51 -10.57 0.97 -17.61
N PRO A 52 -11.64 1.06 -18.41
CA PRO A 52 -11.45 1.50 -19.81
C PRO A 52 -10.77 2.85 -19.91
N ALA A 53 -10.96 3.69 -18.89
CA ALA A 53 -10.32 4.99 -18.82
C ALA A 53 -8.83 4.91 -18.49
N ASP A 54 -8.28 3.71 -18.32
CA ASP A 54 -6.82 3.55 -18.21
C ASP A 54 -6.15 3.75 -19.56
N LEU A 55 -6.84 3.41 -20.62
CA LEU A 55 -6.36 3.44 -21.99
C LEU A 55 -6.77 4.74 -22.66
N PRO A 56 -6.06 5.16 -23.70
CA PRO A 56 -6.53 6.33 -24.45
C PRO A 56 -7.99 6.17 -24.85
N ASN A 57 -8.79 7.22 -24.66
CA ASN A 57 -10.23 7.07 -24.81
C ASN A 57 -10.87 8.41 -25.20
N ASP A 58 -12.12 8.31 -25.69
CA ASP A 58 -12.82 9.48 -26.22
C ASP A 58 -13.38 10.38 -25.14
N TRP A 59 -13.78 9.83 -23.99
CA TRP A 59 -14.51 10.63 -23.02
C TRP A 59 -13.60 11.35 -22.02
N ALA A 60 -12.34 10.90 -21.88
CA ALA A 60 -11.42 11.55 -20.94
C ALA A 60 -10.00 11.70 -21.47
N GLY A 61 -9.68 11.21 -22.67
CA GLY A 61 -8.47 11.60 -23.35
C GLY A 61 -7.30 10.63 -23.30
N GLU A 62 -6.23 11.04 -22.61
CA GLU A 62 -4.98 10.29 -22.68
C GLU A 62 -5.08 8.92 -22.04
N GLY A 63 -5.89 8.78 -21.02
CA GLY A 63 -5.92 7.53 -20.27
C GLY A 63 -5.00 7.58 -19.07
N MET A 64 -5.37 6.84 -18.02
CA MET A 64 -4.61 6.95 -16.80
C MET A 64 -3.24 6.28 -16.89
N TYR A 65 -3.06 5.27 -17.76
CA TYR A 65 -1.70 4.72 -17.90
C TYR A 65 -0.74 5.80 -18.37
N ARG A 66 -1.10 6.49 -19.45
CA ARG A 66 -0.21 7.50 -19.98
C ARG A 66 -0.07 8.67 -19.02
N ARG A 67 -1.13 9.00 -18.30
CA ARG A 67 -1.02 10.13 -17.38
C ARG A 67 -0.15 9.79 -16.16
N VAL A 68 -0.16 8.54 -15.70
CA VAL A 68 0.78 8.17 -14.65
C VAL A 68 2.19 8.12 -15.21
N ASN A 69 2.38 7.52 -16.38
CA ASN A 69 3.72 7.38 -16.90
C ASN A 69 4.32 8.71 -17.37
N LYS A 70 3.47 9.69 -17.71
CA LYS A 70 3.96 11.03 -18.04
C LYS A 70 4.63 11.71 -16.86
N LEU A 71 4.35 11.25 -15.63
CA LEU A 71 5.00 11.82 -14.46
C LEU A 71 6.51 11.66 -14.51
N LYS A 72 7.01 10.68 -15.27
CA LYS A 72 8.44 10.44 -15.39
C LYS A 72 9.17 11.50 -16.21
N VAL A 73 8.44 12.33 -16.96
CA VAL A 73 9.06 13.43 -17.68
C VAL A 73 9.56 14.48 -16.71
N THR A 74 8.75 14.82 -15.71
CA THR A 74 9.09 15.85 -14.73
C THR A 74 9.68 15.28 -13.45
N ASP A 75 9.70 13.96 -13.28
CA ASP A 75 10.34 13.30 -12.14
C ASP A 75 11.23 12.23 -12.78
N THR A 76 12.47 12.60 -13.10
CA THR A 76 13.24 11.77 -14.01
C THR A 76 13.78 10.49 -13.37
N GLN A 77 13.79 10.38 -12.04
CA GLN A 77 14.20 9.14 -11.39
C GLN A 77 13.04 8.17 -11.19
N LEU A 78 11.81 8.64 -11.33
CA LEU A 78 10.64 7.83 -11.01
C LEU A 78 10.55 6.60 -11.91
N LYS A 79 10.23 5.46 -11.30
CA LYS A 79 9.86 4.25 -12.02
C LYS A 79 8.40 3.93 -11.72
N THR A 80 7.76 3.18 -12.63
CA THR A 80 6.38 2.79 -12.44
C THR A 80 6.25 1.27 -12.58
N LEU A 81 5.27 0.70 -11.88
CA LEU A 81 4.97 -0.72 -11.97
C LEU A 81 3.46 -0.87 -12.08
N LEU A 82 3.04 -1.95 -12.71
CA LEU A 82 1.62 -2.26 -12.82
C LEU A 82 1.33 -3.38 -11.83
N SER A 83 0.39 -3.15 -10.93
CA SER A 83 0.05 -4.08 -9.87
C SER A 83 -1.19 -4.89 -10.26
N PHE A 84 -1.14 -6.17 -9.99
CA PHE A 84 -2.24 -7.08 -10.27
C PHE A 84 -2.78 -7.65 -8.97
N GLY A 85 -4.10 -7.60 -8.80
CA GLY A 85 -4.71 -8.22 -7.63
C GLY A 85 -5.40 -7.24 -6.71
N GLY A 86 -5.02 -7.28 -5.42
CA GLY A 86 -5.69 -6.51 -4.39
C GLY A 86 -6.76 -7.33 -3.70
N TRP A 87 -7.34 -6.73 -2.65
CA TRP A 87 -8.30 -7.49 -1.86
C TRP A 87 -9.57 -7.78 -2.65
N SER A 88 -10.12 -6.77 -3.33
CA SER A 88 -11.39 -6.96 -4.05
C SER A 88 -11.27 -8.02 -5.14
N PHE A 89 -10.07 -8.19 -5.71
CA PHE A 89 -9.83 -9.19 -6.75
C PHE A 89 -10.06 -10.61 -6.22
N GLY A 90 -9.86 -10.83 -4.93
CA GLY A 90 -10.04 -12.16 -4.40
C GLY A 90 -8.94 -13.08 -4.91
N THR A 91 -9.17 -14.38 -4.75
CA THR A 91 -8.17 -15.39 -5.05
C THR A 91 -8.56 -16.33 -6.19
N ALA A 92 -9.83 -16.38 -6.59
CA ALA A 92 -10.28 -17.41 -7.52
C ALA A 92 -9.49 -17.40 -8.82
N LEU A 93 -9.30 -16.21 -9.41
CA LEU A 93 -8.64 -16.17 -10.71
C LEU A 93 -7.14 -16.42 -10.57
N PHE A 94 -6.53 -15.93 -9.48
CA PHE A 94 -5.12 -16.25 -9.22
C PHE A 94 -4.92 -17.75 -9.09
N GLN A 95 -5.81 -18.43 -8.36
CA GLN A 95 -5.64 -19.87 -8.17
C GLN A 95 -5.67 -20.61 -9.48
N GLY A 96 -6.55 -20.19 -10.40
CA GLY A 96 -6.60 -20.82 -11.71
C GLY A 96 -5.40 -20.45 -12.56
N MET A 97 -5.02 -19.16 -12.55
CA MET A 97 -3.89 -18.73 -13.36
C MET A 97 -2.60 -19.43 -12.96
N ALA A 98 -2.41 -19.68 -11.66
CA ALA A 98 -1.14 -20.19 -11.16
C ALA A 98 -1.07 -21.71 -11.21
N ALA A 99 -2.11 -22.38 -11.72
CA ALA A 99 -2.28 -23.81 -11.47
C ALA A 99 -1.27 -24.68 -12.22
N SER A 100 -0.76 -24.21 -13.36
CA SER A 100 0.11 -25.02 -14.19
C SER A 100 1.14 -24.12 -14.87
N SER A 101 2.22 -24.73 -15.36
CA SER A 101 3.20 -23.93 -16.09
C SER A 101 2.57 -23.31 -17.33
N ALA A 102 1.62 -24.01 -17.95
CA ALA A 102 0.96 -23.49 -19.14
C ALA A 102 0.12 -22.26 -18.82
N SER A 103 -0.69 -22.34 -17.75
CA SER A 103 -1.56 -21.23 -17.39
C SER A 103 -0.76 -20.04 -16.87
N ARG A 104 0.34 -20.33 -16.14
CA ARG A 104 1.20 -19.24 -15.69
C ARG A 104 1.88 -18.55 -16.87
N LYS A 105 2.28 -19.31 -17.89
CA LYS A 105 2.92 -18.72 -19.06
C LYS A 105 1.97 -17.80 -19.82
N VAL A 106 0.69 -18.16 -19.90
CA VAL A 106 -0.28 -17.28 -20.55
C VAL A 106 -0.26 -15.91 -19.87
N PHE A 107 -0.36 -15.89 -18.53
CA PHE A 107 -0.36 -14.62 -17.81
C PHE A 107 0.97 -13.91 -17.97
N ILE A 108 2.07 -14.65 -17.79
CA ILE A 108 3.39 -14.04 -17.76
C ILE A 108 3.72 -13.36 -19.08
N ASP A 109 3.54 -14.08 -20.20
CA ASP A 109 3.83 -13.49 -21.49
C ASP A 109 2.93 -12.29 -21.76
N SER A 110 1.65 -12.41 -21.42
CA SER A 110 0.72 -11.31 -21.64
C SER A 110 1.10 -10.09 -20.81
N ALA A 111 1.42 -10.31 -19.53
CA ALA A 111 1.74 -9.19 -18.63
C ALA A 111 3.00 -8.47 -19.07
N ILE A 112 4.03 -9.22 -19.47
CA ILE A 112 5.27 -8.59 -19.92
C ILE A 112 5.02 -7.76 -21.18
N THR A 113 4.30 -8.34 -22.15
CA THR A 113 3.95 -7.58 -23.34
C THR A 113 3.16 -6.33 -22.97
N PHE A 114 2.22 -6.48 -22.03
CA PHE A 114 1.29 -5.40 -21.67
C PHE A 114 2.02 -4.25 -21.00
N VAL A 115 2.91 -4.54 -20.05
CA VAL A 115 3.63 -3.44 -19.41
C VAL A 115 4.59 -2.78 -20.38
N ARG A 116 5.18 -3.53 -21.31
CA ARG A 116 6.03 -2.88 -22.31
C ARG A 116 5.21 -1.97 -23.21
N THR A 117 4.01 -2.40 -23.59
CA THR A 117 3.15 -1.58 -24.45
C THR A 117 2.77 -0.27 -23.76
N TRP A 118 2.46 -0.32 -22.47
CA TRP A 118 1.90 0.85 -21.79
C TRP A 118 2.91 1.60 -20.95
N GLY A 119 4.20 1.23 -21.02
CA GLY A 119 5.25 2.06 -20.49
C GLY A 119 5.61 1.84 -19.04
N PHE A 120 5.23 0.71 -18.46
CA PHE A 120 5.58 0.42 -17.08
C PHE A 120 6.92 -0.29 -17.02
N ASP A 121 7.58 -0.13 -15.88
CA ASP A 121 8.92 -0.64 -15.63
C ASP A 121 8.93 -1.92 -14.79
N GLY A 122 7.78 -2.48 -14.46
CA GLY A 122 7.76 -3.65 -13.60
C GLY A 122 6.36 -4.19 -13.43
N ILE A 123 6.29 -5.39 -12.85
CA ILE A 123 5.05 -6.10 -12.58
C ILE A 123 5.01 -6.40 -11.09
N ASP A 124 3.91 -6.01 -10.44
CA ASP A 124 3.74 -6.22 -8.99
C ASP A 124 2.56 -7.16 -8.79
N ILE A 125 2.76 -8.23 -8.03
CA ILE A 125 1.72 -9.23 -7.82
C ILE A 125 1.16 -9.04 -6.42
N ASP A 126 -0.15 -8.78 -6.35
CA ASP A 126 -0.82 -8.55 -5.07
C ASP A 126 -1.91 -9.58 -4.82
N TRP A 127 -1.53 -10.85 -4.81
CA TRP A 127 -2.45 -11.95 -4.52
C TRP A 127 -2.73 -12.00 -3.03
N GLU A 128 -3.99 -11.81 -2.65
CA GLU A 128 -4.34 -11.76 -1.24
C GLU A 128 -5.34 -12.87 -0.85
N TYR A 129 -4.88 -14.10 -0.53
CA TYR A 129 -3.47 -14.49 -0.42
C TYR A 129 -3.37 -15.92 -0.88
N PRO A 130 -2.21 -16.32 -1.41
CA PRO A 130 -1.98 -17.75 -1.60
C PRO A 130 -2.11 -18.45 -0.26
N SER A 131 -2.73 -19.63 -0.26
CA SER A 131 -2.93 -20.34 1.00
C SER A 131 -3.00 -21.83 0.74
N GLY A 132 -2.21 -22.61 1.48
CA GLY A 132 -2.17 -24.04 1.32
C GLY A 132 -0.98 -24.50 0.49
N ALA A 133 -0.77 -25.81 0.51
CA ALA A 133 0.44 -26.36 -0.10
C ALA A 133 0.46 -26.13 -1.61
N THR A 134 -0.69 -26.29 -2.27
CA THR A 134 -0.75 -26.11 -3.72
C THR A 134 -0.46 -24.67 -4.11
N ASP A 135 -1.18 -23.73 -3.48
CA ASP A 135 -0.91 -22.31 -3.73
C ASP A 135 0.54 -21.96 -3.42
N MET A 136 1.08 -22.47 -2.31
CA MET A 136 2.43 -22.09 -1.93
C MET A 136 3.44 -22.48 -3.00
N ALA A 137 3.35 -23.72 -3.51
CA ALA A 137 4.27 -24.12 -4.56
C ALA A 137 3.97 -23.39 -5.88
N ASN A 138 2.70 -23.21 -6.21
CA ASN A 138 2.35 -22.51 -7.46
C ASN A 138 2.77 -21.04 -7.41
N TYR A 139 2.72 -20.43 -6.22
CA TYR A 139 3.16 -19.03 -6.10
C TYR A 139 4.66 -18.90 -6.28
N VAL A 140 5.42 -19.83 -5.68
CA VAL A 140 6.86 -19.88 -5.94
C VAL A 140 7.13 -20.01 -7.44
N ALA A 141 6.41 -20.91 -8.10
CA ALA A 141 6.65 -21.12 -9.53
C ALA A 141 6.28 -19.87 -10.32
N LEU A 142 5.18 -19.21 -9.95
CA LEU A 142 4.78 -18.00 -10.65
C LEU A 142 5.84 -16.93 -10.56
N VAL A 143 6.37 -16.69 -9.36
CA VAL A 143 7.35 -15.63 -9.19
C VAL A 143 8.68 -16.00 -9.87
N LYS A 144 9.10 -17.24 -9.72
CA LYS A 144 10.30 -17.75 -10.39
C LYS A 144 10.18 -17.62 -11.91
N GLU A 145 9.08 -18.10 -12.47
CA GLU A 145 8.91 -18.06 -13.92
C GLU A 145 8.70 -16.66 -14.45
N LEU A 146 8.05 -15.79 -13.69
CA LEU A 146 7.92 -14.40 -14.09
C LEU A 146 9.29 -13.74 -14.14
N LYS A 147 10.11 -13.93 -13.11
CA LYS A 147 11.43 -13.31 -13.15
C LYS A 147 12.25 -13.87 -14.30
N ALA A 148 12.19 -15.20 -14.52
CA ALA A 148 12.93 -15.79 -15.63
C ALA A 148 12.49 -15.19 -16.96
N ALA A 149 11.19 -15.03 -17.18
CA ALA A 149 10.73 -14.44 -18.42
C ALA A 149 11.16 -12.98 -18.53
N CYS A 150 11.23 -12.26 -17.42
CA CYS A 150 11.69 -10.88 -17.48
C CYS A 150 13.17 -10.82 -17.84
N GLU A 151 13.96 -11.74 -17.30
CA GLU A 151 15.38 -11.78 -17.68
C GLU A 151 15.55 -12.16 -19.15
N SER A 152 14.74 -13.09 -19.63
CA SER A 152 14.84 -13.50 -21.03
C SER A 152 14.46 -12.33 -21.96
N GLU A 153 13.36 -11.64 -21.65
CA GLU A 153 12.95 -10.52 -22.49
C GLU A 153 13.99 -9.41 -22.46
N ALA A 154 14.56 -9.12 -21.28
CA ALA A 154 15.60 -8.11 -21.20
C ALA A 154 16.81 -8.50 -22.04
N GLY A 155 17.26 -9.76 -21.88
CA GLY A 155 18.42 -10.20 -22.65
C GLY A 155 18.16 -10.19 -24.14
N SER A 156 16.93 -10.51 -24.55
CA SER A 156 16.63 -10.62 -25.96
C SER A 156 16.46 -9.25 -26.61
N THR A 157 15.88 -8.29 -25.89
CA THR A 157 15.64 -6.97 -26.46
C THR A 157 16.73 -5.97 -26.12
N GLY A 158 17.59 -6.26 -25.14
CA GLY A 158 18.53 -5.27 -24.67
C GLY A 158 17.93 -4.18 -23.80
N LYS A 159 16.65 -4.28 -23.44
CA LYS A 159 16.03 -3.32 -22.54
C LYS A 159 16.40 -3.64 -21.10
N ASP A 160 16.30 -2.64 -20.23
CA ASP A 160 16.49 -2.89 -18.80
C ASP A 160 15.42 -3.84 -18.31
N ARG A 161 15.82 -4.78 -17.44
CA ARG A 161 14.91 -5.82 -16.99
C ARG A 161 13.74 -5.23 -16.19
N LEU A 162 12.54 -5.73 -16.46
CA LEU A 162 11.37 -5.36 -15.67
C LEU A 162 11.54 -5.81 -14.22
N LEU A 163 11.07 -4.98 -13.30
CA LEU A 163 11.06 -5.35 -11.90
C LEU A 163 9.94 -6.35 -11.61
N VAL A 164 10.16 -7.19 -10.61
CA VAL A 164 9.17 -8.17 -10.15
C VAL A 164 9.02 -7.96 -8.64
N THR A 165 7.85 -7.54 -8.20
CA THR A 165 7.62 -7.23 -6.79
C THR A 165 6.31 -7.88 -6.37
N ALA A 166 6.04 -7.85 -5.07
CA ALA A 166 4.75 -8.33 -4.58
C ALA A 166 4.39 -7.61 -3.29
N ALA A 167 3.11 -7.33 -3.13
CA ALA A 167 2.56 -6.91 -1.85
C ALA A 167 2.20 -8.16 -1.07
N VAL A 168 2.72 -8.29 0.15
CA VAL A 168 2.67 -9.56 0.86
C VAL A 168 2.09 -9.40 2.26
N ALA A 169 1.51 -10.50 2.75
CA ALA A 169 0.88 -10.51 4.08
C ALA A 169 1.88 -10.22 5.19
N ALA A 170 1.37 -9.62 6.27
CA ALA A 170 2.16 -9.34 7.46
C ALA A 170 1.81 -10.25 8.63
N GLY A 171 0.77 -11.05 8.50
CA GLY A 171 0.32 -11.89 9.61
C GLY A 171 0.96 -13.26 9.57
N PRO A 172 1.48 -13.70 10.73
CA PRO A 172 2.28 -14.94 10.74
C PRO A 172 1.53 -16.16 10.21
N ALA A 173 0.26 -16.34 10.57
CA ALA A 173 -0.48 -17.48 10.08
C ALA A 173 -0.63 -17.42 8.57
N THR A 174 -0.88 -16.23 8.03
CA THR A 174 -1.03 -16.07 6.59
C THR A 174 0.30 -16.25 5.88
N ILE A 175 1.38 -15.69 6.47
CA ILE A 175 2.72 -15.87 5.90
C ILE A 175 3.08 -17.35 5.84
N ASP A 176 2.88 -18.08 6.95
CA ASP A 176 3.31 -19.47 6.99
C ASP A 176 2.47 -20.35 6.07
N ALA A 177 1.19 -20.02 5.89
CA ALA A 177 0.33 -20.85 5.06
C ALA A 177 0.57 -20.64 3.57
N GLY A 178 1.14 -19.51 3.16
CA GLY A 178 1.16 -19.22 1.75
C GLY A 178 2.49 -18.89 1.10
N TYR A 179 3.53 -18.60 1.87
CA TYR A 179 4.78 -18.07 1.33
C TYR A 179 5.96 -18.94 1.73
N ASP A 180 6.62 -19.55 0.73
CA ASP A 180 7.87 -20.27 0.94
C ASP A 180 8.99 -19.26 0.71
N ILE A 181 9.38 -18.57 1.77
CA ILE A 181 10.14 -17.34 1.62
C ILE A 181 11.54 -17.57 1.09
N PRO A 182 12.27 -18.62 1.52
CA PRO A 182 13.61 -18.83 0.93
C PRO A 182 13.56 -19.09 -0.57
N ASN A 183 12.48 -19.62 -1.11
CA ASN A 183 12.40 -19.86 -2.54
C ASN A 183 11.67 -18.74 -3.29
N LEU A 184 11.22 -17.70 -2.59
CA LEU A 184 10.72 -16.49 -3.21
C LEU A 184 11.75 -15.37 -3.23
N ALA A 185 12.48 -15.20 -2.12
CA ALA A 185 13.43 -14.10 -1.98
C ALA A 185 14.34 -13.87 -3.18
N PRO A 186 14.99 -14.88 -3.76
CA PRO A 186 15.91 -14.61 -4.88
C PRO A 186 15.23 -14.03 -6.12
N ASN A 187 13.91 -14.17 -6.23
CA ASN A 187 13.20 -13.82 -7.46
C ASN A 187 12.43 -12.51 -7.36
N PHE A 188 12.41 -11.87 -6.19
CA PHE A 188 11.77 -10.58 -6.00
C PHE A 188 12.84 -9.49 -5.99
N ASP A 189 12.57 -8.38 -6.69
CA ASP A 189 13.40 -7.19 -6.51
C ASP A 189 13.17 -6.59 -5.12
N PHE A 190 11.92 -6.56 -4.68
CA PHE A 190 11.60 -6.24 -3.30
C PHE A 190 10.17 -6.66 -3.04
N ILE A 191 9.80 -6.70 -1.76
CA ILE A 191 8.42 -7.00 -1.38
C ILE A 191 7.86 -5.80 -0.63
N LEU A 192 6.56 -5.58 -0.83
CA LEU A 192 5.83 -4.51 -0.17
C LEU A 192 5.09 -5.16 1.00
N LEU A 193 5.68 -5.06 2.19
CA LEU A 193 5.11 -5.69 3.39
C LEU A 193 3.86 -4.94 3.84
N MET A 194 2.70 -5.60 3.78
CA MET A 194 1.42 -4.94 4.11
C MET A 194 1.25 -4.88 5.63
N SER A 195 2.12 -4.08 6.25
CA SER A 195 2.19 -3.98 7.70
C SER A 195 1.18 -2.95 8.20
N TYR A 196 -0.09 -3.29 7.98
CA TYR A 196 -1.24 -2.50 8.39
C TYR A 196 -2.46 -3.43 8.35
N ASP A 197 -3.64 -2.87 8.63
CA ASP A 197 -4.87 -3.64 8.79
C ASP A 197 -4.72 -4.69 9.90
N PHE A 198 -3.96 -4.35 10.95
CA PHE A 198 -3.81 -5.29 12.06
C PHE A 198 -5.09 -5.39 12.85
N PHE A 199 -5.70 -4.26 13.15
CA PHE A 199 -7.00 -4.22 13.79
C PHE A 199 -7.92 -3.35 12.96
N GLY A 200 -9.21 -3.65 13.03
CA GLY A 200 -10.16 -2.95 12.17
C GLY A 200 -11.57 -3.34 12.50
N ALA A 201 -12.51 -2.71 11.79
CA ALA A 201 -13.93 -2.78 12.14
C ALA A 201 -14.59 -4.08 11.72
N TRP A 202 -13.82 -5.02 11.16
CA TRP A 202 -14.33 -6.37 10.95
C TRP A 202 -14.53 -7.13 12.27
N ALA A 203 -13.95 -6.63 13.36
CA ALA A 203 -14.11 -7.23 14.68
C ALA A 203 -14.51 -6.13 15.67
N SER A 204 -14.94 -6.55 16.86
CA SER A 204 -15.35 -5.58 17.87
C SER A 204 -14.18 -5.07 18.69
N LEU A 205 -13.05 -5.77 18.68
CA LEU A 205 -11.88 -5.35 19.44
C LEU A 205 -11.29 -4.09 18.81
N VAL A 206 -11.27 -3.00 19.58
CA VAL A 206 -10.78 -1.72 19.11
C VAL A 206 -9.27 -1.68 19.30
N GLY A 207 -8.54 -1.44 18.21
CA GLY A 207 -7.11 -1.39 18.28
C GLY A 207 -6.55 -0.59 17.14
N PHE A 208 -5.27 -0.78 16.87
CA PHE A 208 -4.59 0.13 15.95
C PHE A 208 -4.45 -0.48 14.56
N ASN A 209 -4.69 0.35 13.53
CA ASN A 209 -4.50 -0.09 12.16
C ASN A 209 -3.08 -0.57 11.93
N SER A 210 -2.09 0.16 12.42
CA SER A 210 -0.69 -0.11 12.09
C SER A 210 0.21 0.29 13.26
N PRO A 211 0.10 -0.40 14.39
CA PRO A 211 0.97 -0.07 15.51
C PRO A 211 2.39 -0.48 15.19
N LEU A 212 3.35 0.38 15.54
CA LEU A 212 4.75 0.03 15.31
C LEU A 212 5.19 -1.09 16.24
N TYR A 213 4.82 -0.99 17.51
CA TYR A 213 5.12 -1.99 18.54
C TYR A 213 3.83 -2.44 19.20
N ALA A 214 3.92 -3.56 19.91
CA ALA A 214 2.75 -3.99 20.69
C ALA A 214 2.51 -3.05 21.87
N THR A 215 1.29 -3.11 22.40
CA THR A 215 0.96 -2.46 23.66
C THR A 215 0.31 -3.44 24.63
N THR A 216 0.61 -3.27 25.92
CA THR A 216 -0.04 -4.10 26.94
C THR A 216 -1.51 -3.68 27.16
N GLU A 217 -1.97 -2.62 26.49
CA GLU A 217 -3.39 -2.28 26.52
C GLU A 217 -4.22 -3.30 25.74
N LEU A 218 -3.60 -4.07 24.86
CA LEU A 218 -4.30 -5.13 24.13
C LEU A 218 -3.90 -6.48 24.70
N PRO A 219 -4.77 -7.49 24.60
CA PRO A 219 -4.44 -8.81 25.14
C PRO A 219 -3.13 -9.36 24.58
N ALA A 220 -2.46 -10.17 25.42
CA ALA A 220 -1.13 -10.68 25.07
C ALA A 220 -1.13 -11.45 23.75
N GLU A 221 -2.23 -12.12 23.40
CA GLU A 221 -2.27 -12.92 22.18
C GLU A 221 -1.98 -12.09 20.93
N TRP A 222 -2.13 -10.77 21.00
CA TRP A 222 -1.92 -9.88 19.87
C TRP A 222 -0.52 -9.28 19.84
N ASN A 223 0.40 -9.73 20.68
CA ASN A 223 1.63 -8.95 20.79
C ASN A 223 2.55 -9.12 19.57
N GLY A 224 2.24 -10.01 18.63
CA GLY A 224 2.96 -10.10 17.37
C GLY A 224 2.30 -9.37 16.22
N TRP A 225 1.15 -8.74 16.45
CA TRP A 225 0.40 -8.05 15.40
C TRP A 225 0.81 -6.58 15.38
N ASN A 226 1.96 -6.31 14.78
CA ASN A 226 2.47 -4.95 14.71
C ASN A 226 3.56 -4.90 13.64
N VAL A 227 3.92 -3.68 13.25
CA VAL A 227 4.88 -3.49 12.15
C VAL A 227 6.21 -4.17 12.45
N ASP A 228 6.75 -3.92 13.65
CA ASP A 228 8.05 -4.46 14.03
C ASP A 228 8.07 -5.99 13.93
N SER A 229 7.11 -6.66 14.57
CA SER A 229 7.09 -8.12 14.54
C SER A 229 7.00 -8.64 13.12
N SER A 230 6.17 -8.01 12.29
CA SER A 230 5.97 -8.46 10.92
C SER A 230 7.22 -8.29 10.08
N ALA A 231 7.89 -7.14 10.18
CA ALA A 231 9.12 -6.92 9.43
C ALA A 231 10.19 -7.91 9.85
N ARG A 232 10.34 -8.13 11.16
CA ARG A 232 11.30 -9.10 11.64
C ARG A 232 10.96 -10.50 11.16
N TYR A 233 9.67 -10.82 11.11
CA TYR A 233 9.25 -12.17 10.73
C TYR A 233 9.70 -12.50 9.31
N TRP A 234 9.45 -11.58 8.38
CA TRP A 234 9.89 -11.78 7.00
C TRP A 234 11.41 -11.94 6.91
N ASN A 235 12.16 -11.12 7.67
CA ASN A 235 13.62 -11.26 7.66
C ASN A 235 14.07 -12.60 8.23
N GLN A 236 13.48 -13.00 9.36
CA GLN A 236 13.85 -14.27 9.99
C GLN A 236 13.59 -15.45 9.06
N LYS A 237 12.51 -15.39 8.27
CA LYS A 237 12.17 -16.49 7.35
C LYS A 237 13.00 -16.51 6.08
N GLY A 238 13.86 -15.52 5.87
CA GLY A 238 14.81 -15.56 4.76
C GLY A 238 14.76 -14.39 3.79
N MET A 239 13.91 -13.39 3.98
CA MET A 239 13.90 -12.26 3.07
C MET A 239 14.95 -11.25 3.52
N PRO A 240 15.93 -10.90 2.68
CA PRO A 240 16.95 -9.94 3.07
C PRO A 240 16.31 -8.61 3.47
N LYS A 241 16.93 -7.93 4.45
CA LYS A 241 16.33 -6.69 4.94
C LYS A 241 16.18 -5.65 3.83
N GLU A 242 17.15 -5.56 2.92
CA GLU A 242 17.09 -4.55 1.87
C GLU A 242 15.93 -4.76 0.89
N LYS A 243 15.32 -5.95 0.88
CA LYS A 243 14.16 -6.23 0.06
C LYS A 243 12.84 -6.04 0.80
N ILE A 244 12.87 -5.77 2.11
CA ILE A 244 11.65 -5.59 2.89
C ILE A 244 11.31 -4.11 2.88
N ILE A 245 10.19 -3.75 2.24
CA ILE A 245 9.75 -2.37 2.14
C ILE A 245 8.54 -2.24 3.07
N VAL A 246 8.66 -1.39 4.10
CA VAL A 246 7.69 -1.37 5.20
C VAL A 246 6.45 -0.60 4.77
N GLY A 247 5.28 -1.18 5.04
CA GLY A 247 4.03 -0.56 4.62
C GLY A 247 3.56 0.54 5.55
N MET A 248 3.19 1.67 4.95
CA MET A 248 2.75 2.88 5.63
C MET A 248 1.34 3.24 5.17
N PRO A 249 0.35 3.27 6.06
CA PRO A 249 -1.01 3.65 5.67
C PRO A 249 -1.24 5.15 5.82
N THR A 250 -1.95 5.74 4.86
CA THR A 250 -2.43 7.11 5.03
C THR A 250 -3.92 7.18 5.35
N TYR A 251 -4.60 6.04 5.37
CA TYR A 251 -5.97 5.92 5.86
C TYR A 251 -5.89 5.46 7.31
N GLY A 252 -7.04 5.38 7.96
CA GLY A 252 -7.15 4.84 9.29
C GLY A 252 -8.41 4.01 9.40
N ARG A 253 -8.60 3.40 10.57
CA ARG A 253 -9.74 2.51 10.80
C ARG A 253 -10.44 2.91 12.08
N GLY A 254 -11.76 2.76 12.11
CA GLY A 254 -12.56 3.36 13.16
C GLY A 254 -13.75 2.55 13.59
N TRP A 255 -14.19 2.80 14.82
CA TRP A 255 -15.30 2.10 15.47
C TRP A 255 -16.31 3.10 16.01
N THR A 256 -17.58 2.66 16.06
CA THR A 256 -18.56 3.26 16.93
C THR A 256 -18.47 2.54 18.26
N LEU A 257 -18.05 3.24 19.31
CA LEU A 257 -17.86 2.59 20.59
C LEU A 257 -19.18 2.06 21.14
N ASN A 258 -19.14 0.84 21.67
CA ASN A 258 -20.30 0.30 22.36
C ASN A 258 -20.59 1.10 23.62
N ASN A 259 -19.55 1.66 24.22
CA ASN A 259 -19.65 2.43 25.45
C ASN A 259 -18.78 3.66 25.28
N ALA A 260 -19.40 4.83 25.10
CA ALA A 260 -18.66 6.05 24.81
C ALA A 260 -17.75 6.48 25.95
N SER A 261 -17.91 5.92 27.14
CA SER A 261 -17.02 6.23 28.25
C SER A 261 -15.79 5.34 28.28
N ALA A 262 -15.75 4.28 27.49
CA ALA A 262 -14.63 3.33 27.48
C ALA A 262 -13.86 3.56 26.19
N ILE A 263 -12.80 4.38 26.27
CA ILE A 263 -12.14 4.92 25.09
C ILE A 263 -10.69 4.48 24.99
N ASN A 264 -10.26 3.53 25.80
CA ASN A 264 -8.87 3.10 25.70
C ASN A 264 -8.70 2.09 24.57
N PRO A 265 -7.51 2.03 23.96
CA PRO A 265 -7.20 0.89 23.09
C PRO A 265 -7.54 -0.40 23.83
N GLY A 266 -8.19 -1.31 23.12
CA GLY A 266 -8.63 -2.56 23.70
C GLY A 266 -10.09 -2.59 24.07
N THR A 267 -10.80 -1.47 23.92
CA THR A 267 -12.23 -1.40 24.18
C THR A 267 -13.01 -2.12 23.07
N SER A 268 -14.31 -1.88 22.98
CA SER A 268 -15.17 -2.61 22.06
C SER A 268 -16.05 -1.66 21.27
N GLY A 269 -16.36 -2.06 20.03
CA GLY A 269 -17.17 -1.22 19.16
C GLY A 269 -17.69 -1.97 17.96
N SER A 270 -18.58 -1.30 17.22
CA SER A 270 -19.06 -1.72 15.90
C SER A 270 -18.38 -0.79 14.88
N PRO A 271 -18.66 -0.90 13.57
CA PRO A 271 -17.98 0.00 12.62
C PRO A 271 -18.30 1.47 12.85
N ALA A 272 -17.30 2.31 12.59
CA ALA A 272 -17.48 3.74 12.62
C ALA A 272 -18.53 4.17 11.60
N LYS A 273 -19.09 5.35 11.83
CA LYS A 273 -19.99 5.95 10.85
C LYS A 273 -19.21 6.26 9.57
N ILE A 274 -19.86 6.04 8.44
CA ILE A 274 -19.22 6.26 7.14
C ILE A 274 -18.71 7.69 7.04
N THR A 275 -17.56 7.85 6.40
CA THR A 275 -17.02 9.19 6.19
C THR A 275 -17.46 9.71 4.81
N GLN A 276 -17.39 11.03 4.68
CA GLN A 276 -18.00 11.68 3.52
C GLN A 276 -17.39 11.20 2.21
N TYR A 277 -16.07 11.08 2.15
CA TYR A 277 -15.40 10.89 0.86
C TYR A 277 -14.96 9.45 0.63
N VAL A 278 -14.50 8.74 1.66
CA VAL A 278 -14.04 7.38 1.42
C VAL A 278 -15.21 6.43 1.24
N GLN A 279 -16.33 6.69 1.90
CA GLN A 279 -17.57 5.94 1.68
C GLN A 279 -17.37 4.44 1.92
N GLU A 280 -16.72 4.12 3.03
CA GLU A 280 -16.57 2.73 3.44
C GLU A 280 -16.56 2.70 4.95
N ALA A 281 -17.60 2.10 5.54
CA ALA A 281 -17.73 2.08 6.99
C ALA A 281 -16.50 1.46 7.65
N GLY A 282 -15.97 2.16 8.65
CA GLY A 282 -14.81 1.72 9.39
C GLY A 282 -13.49 2.14 8.77
N VAL A 283 -13.51 2.84 7.62
CA VAL A 283 -12.32 3.34 6.97
C VAL A 283 -12.45 4.85 6.81
N GLY A 284 -11.32 5.54 6.92
CA GLY A 284 -11.31 6.99 6.76
C GLY A 284 -9.96 7.41 6.25
N ALA A 285 -9.92 8.61 5.67
CA ALA A 285 -8.70 9.14 5.08
C ALA A 285 -8.09 10.20 5.99
N TYR A 286 -6.77 10.39 5.89
CA TYR A 286 -6.13 11.42 6.71
C TYR A 286 -6.81 12.78 6.52
N PHE A 287 -7.15 13.14 5.29
CA PHE A 287 -7.83 14.43 5.07
C PHE A 287 -9.24 14.46 5.63
N GLU A 288 -9.75 13.35 6.15
CA GLU A 288 -10.98 13.39 6.95
C GLU A 288 -10.68 13.48 8.44
N PHE A 289 -9.62 12.80 8.90
CA PHE A 289 -9.21 12.90 10.31
C PHE A 289 -8.79 14.31 10.68
N CYS A 290 -8.15 15.04 9.75
CA CYS A 290 -7.73 16.40 10.06
C CYS A 290 -8.93 17.28 10.33
N GLU A 291 -10.06 17.00 9.66
CA GLU A 291 -11.26 17.78 9.91
C GLU A 291 -11.91 17.39 11.22
N MET A 292 -11.84 16.09 11.58
CA MET A 292 -12.37 15.68 12.87
C MET A 292 -11.65 16.39 14.01
N LEU A 293 -10.33 16.54 13.89
CA LEU A 293 -9.58 17.26 14.91
C LEU A 293 -9.97 18.73 14.95
N ALA A 294 -10.32 19.33 13.82
CA ALA A 294 -10.81 20.71 13.78
C ALA A 294 -12.24 20.85 14.27
N ASN A 295 -12.97 19.74 14.42
CA ASN A 295 -14.38 19.78 14.83
C ASN A 295 -14.59 19.20 16.22
N GLY A 296 -13.55 19.18 17.06
CA GLY A 296 -13.71 18.83 18.45
C GLY A 296 -13.23 17.46 18.87
N ALA A 297 -12.72 16.64 17.94
CA ALA A 297 -12.17 15.36 18.36
C ALA A 297 -10.91 15.57 19.20
N THR A 298 -10.69 14.65 20.13
CA THR A 298 -9.53 14.70 21.02
C THR A 298 -8.49 13.71 20.51
N ARG A 299 -7.26 14.20 20.31
CA ARG A 299 -6.16 13.33 19.89
C ARG A 299 -5.43 12.78 21.10
N TYR A 300 -5.22 11.46 21.09
CA TYR A 300 -4.40 10.80 22.10
C TYR A 300 -3.19 10.18 21.41
N TRP A 301 -2.12 10.01 22.17
CA TRP A 301 -0.91 9.38 21.70
C TRP A 301 -0.72 8.08 22.47
N ASP A 302 -0.55 6.97 21.75
CA ASP A 302 -0.26 5.71 22.41
C ASP A 302 1.25 5.57 22.47
N SER A 303 1.84 5.69 23.67
CA SER A 303 3.29 5.71 23.73
C SER A 303 3.89 4.33 23.55
N GLN A 304 3.12 3.26 23.80
CA GLN A 304 3.69 1.94 23.59
C GLN A 304 3.76 1.59 22.11
N SER A 305 2.67 1.78 21.38
CA SER A 305 2.62 1.44 19.96
C SER A 305 3.10 2.57 19.06
N GLN A 306 3.31 3.77 19.62
CA GLN A 306 3.83 4.95 18.91
C GLN A 306 2.98 5.32 17.70
N VAL A 307 1.68 5.40 17.94
CA VAL A 307 0.68 5.85 16.96
C VAL A 307 -0.40 6.63 17.68
N PRO A 308 -1.10 7.49 16.96
CA PRO A 308 -2.17 8.28 17.56
C PRO A 308 -3.54 7.60 17.43
N TYR A 309 -4.49 8.10 18.21
CA TYR A 309 -5.89 7.80 17.98
C TYR A 309 -6.69 9.04 18.36
N LEU A 310 -7.91 9.13 17.85
CA LEU A 310 -8.75 10.26 18.20
C LEU A 310 -10.12 9.76 18.59
N VAL A 311 -10.80 10.57 19.40
CA VAL A 311 -12.11 10.23 19.93
C VAL A 311 -13.00 11.43 19.73
N GLN A 312 -14.18 11.21 19.16
CA GLN A 312 -15.17 12.24 18.89
C GLN A 312 -16.51 11.67 19.30
N GLY A 313 -17.00 12.00 20.48
CA GLY A 313 -18.23 11.37 20.95
C GLY A 313 -18.03 9.86 21.04
N ASN A 314 -18.89 9.11 20.36
CA ASN A 314 -18.75 7.66 20.37
C ASN A 314 -17.95 7.15 19.18
N GLN A 315 -17.20 8.01 18.49
CA GLN A 315 -16.37 7.60 17.36
C GLN A 315 -14.92 7.55 17.80
N TRP A 316 -14.25 6.44 17.50
CA TRP A 316 -12.88 6.18 17.93
C TRP A 316 -12.09 5.76 16.70
N TRP A 317 -11.03 6.49 16.38
CA TRP A 317 -10.29 6.26 15.15
C TRP A 317 -8.83 6.00 15.43
N SER A 318 -8.32 4.91 14.87
CA SER A 318 -6.89 4.68 14.75
C SER A 318 -6.41 5.24 13.41
N TYR A 319 -5.39 6.10 13.44
CA TYR A 319 -4.87 6.66 12.19
C TYR A 319 -3.36 6.85 12.34
N ASP A 320 -2.74 7.37 11.28
CA ASP A 320 -1.32 7.70 11.32
C ASP A 320 -1.15 9.18 10.96
N ASP A 321 -0.08 9.78 11.48
CA ASP A 321 0.15 11.20 11.26
C ASP A 321 1.65 11.44 11.12
N GLU A 322 2.06 12.71 11.18
CA GLU A 322 3.48 13.04 11.00
C GLU A 322 4.34 12.40 12.07
N GLU A 323 3.83 12.34 13.31
CA GLU A 323 4.64 11.79 14.40
C GLU A 323 4.78 10.29 14.28
N SER A 324 3.69 9.58 13.95
CA SER A 324 3.84 8.14 13.78
C SER A 324 4.71 7.82 12.57
N PHE A 325 4.58 8.61 11.48
CA PHE A 325 5.46 8.37 10.34
C PHE A 325 6.91 8.59 10.73
N ALA A 326 7.16 9.57 11.60
CA ALA A 326 8.53 9.84 12.05
C ALA A 326 9.09 8.67 12.89
N ASN A 327 8.32 8.18 13.88
CA ASN A 327 8.77 7.01 14.62
C ASN A 327 9.08 5.86 13.66
N LYS A 328 8.23 5.69 12.65
CA LYS A 328 8.38 4.55 11.77
C LYS A 328 9.56 4.71 10.82
N MET A 329 9.82 5.94 10.35
CA MET A 329 11.01 6.15 9.53
C MET A 329 12.29 5.94 10.33
N ALA A 330 12.30 6.37 11.60
CA ALA A 330 13.43 6.08 12.47
C ALA A 330 13.64 4.58 12.60
N TYR A 331 12.56 3.82 12.73
CA TYR A 331 12.64 2.37 12.80
C TYR A 331 13.22 1.78 11.53
N VAL A 332 12.71 2.21 10.36
CA VAL A 332 13.23 1.68 9.11
C VAL A 332 14.72 1.91 9.01
N LYS A 333 15.17 3.13 9.34
CA LYS A 333 16.59 3.46 9.24
C LYS A 333 17.43 2.73 10.28
N ARG A 334 16.93 2.65 11.51
CA ARG A 334 17.66 2.00 12.59
C ARG A 334 17.86 0.52 12.30
N GLU A 335 16.81 -0.15 11.83
CA GLU A 335 16.84 -1.59 11.61
C GLU A 335 17.34 -1.98 10.23
N GLY A 336 17.56 -1.03 9.33
CA GLY A 336 18.18 -1.35 8.06
C GLY A 336 17.28 -1.98 7.02
N TYR A 337 15.99 -1.67 7.04
CA TYR A 337 15.16 -2.19 5.97
C TYR A 337 15.33 -1.37 4.71
N GLY A 338 14.74 -1.86 3.60
CA GLY A 338 15.03 -1.31 2.28
C GLY A 338 14.32 -0.03 1.93
N GLY A 339 13.30 0.33 2.71
CA GLY A 339 12.54 1.54 2.49
C GLY A 339 11.14 1.40 3.05
N ALA A 340 10.24 2.25 2.55
CA ALA A 340 8.87 2.29 3.04
C ALA A 340 7.98 2.67 1.87
N PHE A 341 6.81 2.02 1.78
CA PHE A 341 5.85 2.30 0.73
C PHE A 341 4.54 2.78 1.36
N VAL A 342 3.72 3.41 0.54
CA VAL A 342 2.49 4.05 1.02
C VAL A 342 1.28 3.47 0.32
N TRP A 343 0.30 3.08 1.12
CA TRP A 343 -1.05 2.88 0.64
C TRP A 343 -1.96 3.92 1.30
N THR A 344 -2.41 4.98 0.62
CA THR A 344 -2.22 5.34 -0.79
C THR A 344 -1.79 6.81 -0.94
N LEU A 345 -1.47 7.22 -2.17
CA LEU A 345 -1.31 8.63 -2.45
C LEU A 345 -2.58 9.40 -2.12
N ASP A 346 -3.73 8.81 -2.41
CA ASP A 346 -4.98 9.57 -2.44
C ASP A 346 -5.64 9.73 -1.07
N PHE A 347 -5.15 9.07 -0.03
CA PHE A 347 -5.69 9.26 1.32
C PHE A 347 -4.89 10.26 2.15
N ASP A 348 -3.68 10.62 1.72
CA ASP A 348 -2.95 11.73 2.35
C ASP A 348 -3.66 13.04 2.02
N ASP A 349 -3.29 14.13 2.70
CA ASP A 349 -3.84 15.42 2.30
C ASP A 349 -3.02 15.91 1.11
N PHE A 350 -3.28 15.28 -0.04
CA PHE A 350 -2.42 15.43 -1.20
C PHE A 350 -2.47 16.84 -1.79
N ASN A 351 -3.53 17.61 -1.52
CA ASN A 351 -3.64 18.94 -2.08
C ASN A 351 -3.64 20.02 -1.02
N ALA A 352 -3.24 19.69 0.21
CA ALA A 352 -3.21 20.63 1.33
C ALA A 352 -4.56 21.32 1.49
N GLY A 353 -5.61 20.51 1.42
CA GLY A 353 -6.96 21.04 1.48
C GLY A 353 -7.61 20.98 2.84
N CYS A 354 -6.94 20.37 3.81
CA CYS A 354 -7.48 20.36 5.17
C CYS A 354 -7.71 21.79 5.65
N SER A 355 -8.82 22.00 6.34
CA SER A 355 -9.16 23.36 6.76
C SER A 355 -8.11 23.93 7.70
N ASN A 356 -7.34 23.08 8.38
CA ASN A 356 -6.27 23.52 9.27
C ASN A 356 -4.89 23.31 8.65
N SER A 357 -4.80 23.11 7.34
CA SER A 357 -3.52 22.89 6.71
C SER A 357 -2.71 24.17 6.74
N ASN A 358 -1.42 24.07 7.10
CA ASN A 358 -0.52 25.21 6.93
C ASN A 358 -0.05 25.36 5.50
N GLY A 359 -0.47 24.47 4.59
CA GLY A 359 -0.11 24.51 3.20
C GLY A 359 0.77 23.36 2.76
N GLN A 360 1.20 22.50 3.67
CA GLN A 360 2.09 21.41 3.29
C GLN A 360 1.35 20.41 2.43
N LEU A 361 1.84 20.19 1.20
CA LEU A 361 1.35 19.09 0.38
C LEU A 361 1.83 17.75 0.95
N TYR A 362 0.93 16.76 0.95
CA TYR A 362 1.27 15.42 1.43
C TYR A 362 1.95 15.47 2.80
N PRO A 363 1.27 15.99 3.82
CA PRO A 363 1.90 16.05 5.17
C PRO A 363 2.43 14.71 5.65
N LEU A 364 1.78 13.60 5.29
CA LEU A 364 2.28 12.29 5.71
C LEU A 364 3.39 11.79 4.79
N ILE A 365 3.11 11.71 3.47
CA ILE A 365 4.09 11.07 2.60
C ILE A 365 5.36 11.91 2.53
N SER A 366 5.25 13.22 2.70
CA SER A 366 6.48 14.03 2.66
C SER A 366 7.44 13.68 3.79
N VAL A 367 6.96 13.05 4.87
CA VAL A 367 7.88 12.59 5.92
C VAL A 367 8.78 11.49 5.38
N ILE A 368 8.22 10.61 4.56
CA ILE A 368 9.03 9.53 3.99
C ILE A 368 10.02 10.11 2.98
N ALA A 369 9.53 10.98 2.10
CA ALA A 369 10.40 11.61 1.11
C ALA A 369 11.55 12.33 1.78
N LYS A 370 11.26 13.01 2.90
CA LYS A 370 12.31 13.72 3.64
C LYS A 370 13.24 12.74 4.36
N GLU A 371 12.67 11.84 5.17
CA GLU A 371 13.49 11.05 6.08
C GLU A 371 14.25 9.94 5.38
N LEU A 372 13.69 9.36 4.31
CA LEU A 372 14.40 8.34 3.55
C LEU A 372 15.01 8.84 2.27
N GLY A 373 14.52 9.95 1.71
CA GLY A 373 15.02 10.38 0.41
C GLY A 373 15.82 11.67 0.46
N GLY A 374 15.78 12.38 1.59
CA GLY A 374 16.40 13.69 1.65
C GLY A 374 15.71 14.73 0.79
N VAL A 375 14.43 14.52 0.46
CA VAL A 375 13.69 15.33 -0.49
C VAL A 375 12.73 16.21 0.30
N ILE A 376 12.69 17.50 -0.02
CA ILE A 376 11.75 18.43 0.60
C ILE A 376 10.59 18.65 -0.35
N ILE A 377 9.41 18.21 0.04
CA ILE A 377 8.20 18.44 -0.75
C ILE A 377 7.68 19.84 -0.44
N PRO A 378 7.37 20.64 -1.46
CA PRO A 378 7.02 22.04 -1.22
C PRO A 378 5.64 22.20 -0.59
N LYS A 379 5.42 23.38 -0.06
CA LYS A 379 4.08 23.81 0.33
C LYS A 379 3.31 24.24 -0.90
N LYS A 380 1.97 24.27 -0.77
CA LYS A 380 1.14 24.77 -1.85
C LYS A 380 1.24 26.29 -1.95
N GLY A 381 0.87 26.82 -3.10
CA GLY A 381 0.84 28.26 -3.28
C GLY A 381 2.01 28.77 -4.09
N GLY A 382 2.11 30.09 -4.14
CA GLY A 382 3.08 30.73 -5.01
C GLY A 382 4.50 30.52 -4.51
N HIS A 383 5.41 30.26 -5.45
CA HIS A 383 6.84 30.19 -5.16
C HIS A 383 7.60 31.12 -6.11
#